data_4G5Y
#
_entry.id   4G5Y
#
_cell.length_a   48.260
_cell.length_b   71.060
_cell.length_c   81.650
_cell.angle_alpha   90.00
_cell.angle_beta   99.35
_cell.angle_gamma   90.00
#
_symmetry.space_group_name_H-M   'P 1 21 1'
#
loop_
_entity.id
_entity.type
_entity.pdbx_description
1 polymer 'Pantothenate synthetase'
2 non-polymer "ADENOSINE-5'-TRIPHOSPHATE"
3 non-polymer 'MAGNESIUM ION'
4 non-polymer N,N-dimethylthiophene-3-sulfonamide
5 non-polymer GLYCEROL
6 non-polymer ETHANOL
7 water water
#
_entity_poly.entity_id   1
_entity_poly.type   'polypeptide(L)'
_entity_poly.pdbx_seq_one_letter_code
;AMAIPAFHPGELNVYSAPGDVADVSRALRLTGRRVMLVPTMGALHEGHLALVRAAKRVPGSVVVVSIFVNPMQFGAGGDL
DAYPRTPDDDLAQLRAEGVEIAFTPTTAAMYPDGLRTTVQPGPLAAELEGGPRPTHFAGVLTVVLKLLQIVRPDRVFFGE
KDYQQLVLIRQLVADFNLDVAVVGVPTVREADGLAMSSRNRYLDPAQRAAAVALSAALTAAAHAATAGAQAALDAARAVL
DAAPGVAVDYLELRDIGLGPMPLNGSGRLLVAARLGTTRLLDNIAIEIGTFAGTDRPDGYR
;
_entity_poly.pdbx_strand_id   A,B
#
# COMPACT_ATOMS: atom_id res chain seq x y z
N PRO A 5 19.19 -6.63 -16.21
CA PRO A 5 19.65 -6.23 -17.54
C PRO A 5 20.72 -5.15 -17.43
N ALA A 6 21.01 -4.44 -18.53
CA ALA A 6 22.15 -3.50 -18.57
C ALA A 6 21.95 -2.14 -17.90
N PHE A 7 23.03 -1.63 -17.30
CA PHE A 7 23.09 -0.31 -16.71
C PHE A 7 24.40 0.37 -17.05
N HIS A 8 24.34 1.39 -17.88
CA HIS A 8 25.56 2.10 -18.32
C HIS A 8 25.69 3.33 -17.47
N PRO A 9 26.63 3.34 -16.50
CA PRO A 9 26.65 4.53 -15.64
C PRO A 9 27.12 5.77 -16.35
N GLY A 10 26.80 6.90 -15.74
CA GLY A 10 26.94 8.17 -16.38
C GLY A 10 26.16 8.39 -17.66
N GLU A 11 25.36 7.42 -18.10
CA GLU A 11 24.41 7.64 -19.20
C GLU A 11 22.94 7.52 -18.67
N LEU A 12 22.01 8.01 -19.46
CA LEU A 12 20.57 7.80 -19.18
C LEU A 12 20.21 6.39 -19.68
N ASN A 13 19.76 5.56 -18.75
CA ASN A 13 19.28 4.21 -18.97
C ASN A 13 17.77 4.27 -18.87
N VAL A 14 17.09 3.87 -19.93
CA VAL A 14 15.61 3.90 -19.91
C VAL A 14 15.08 2.45 -19.77
N TYR A 15 14.29 2.20 -18.73
CA TYR A 15 13.59 0.86 -18.59
C TYR A 15 12.08 1.00 -18.55
N SER A 16 11.44 0.09 -19.22
CA SER A 16 9.96 0.08 -19.21
C SER A 16 9.45 -0.99 -18.31
N ALA A 17 10.16 -2.09 -18.20
CA ALA A 17 9.61 -3.21 -17.41
C ALA A 17 9.90 -2.96 -15.90
N PRO A 18 8.84 -3.06 -15.08
CA PRO A 18 9.09 -2.89 -13.62
C PRO A 18 10.20 -3.78 -13.07
N GLY A 19 10.22 -5.07 -13.51
CA GLY A 19 11.27 -6.00 -13.04
C GLY A 19 12.67 -5.49 -13.38
N ASP A 20 12.83 -4.90 -14.56
CA ASP A 20 14.14 -4.37 -14.94
C ASP A 20 14.58 -3.25 -14.00
N VAL A 21 13.73 -2.25 -13.75
CA VAL A 21 14.19 -1.17 -12.92
C VAL A 21 14.34 -1.68 -11.46
N ALA A 22 13.52 -2.66 -11.04
CA ALA A 22 13.59 -3.12 -9.65
C ALA A 22 15.00 -3.80 -9.52
N ASP A 23 15.33 -4.61 -10.53
CA ASP A 23 16.64 -5.31 -10.53
C ASP A 23 17.85 -4.40 -10.48
N VAL A 24 17.84 -3.40 -11.34
CA VAL A 24 18.88 -2.38 -11.39
C VAL A 24 18.90 -1.57 -10.11
N SER A 25 17.73 -1.11 -9.57
CA SER A 25 17.75 -0.34 -8.36
C SER A 25 18.37 -1.16 -7.22
N ARG A 26 18.01 -2.45 -7.15
CA ARG A 26 18.41 -3.31 -6.03
C ARG A 26 19.92 -3.52 -6.14
N ALA A 27 20.41 -3.76 -7.37
CA ALA A 27 21.86 -3.98 -7.57
C ALA A 27 22.59 -2.71 -7.15
N LEU A 28 22.12 -1.56 -7.64
CA LEU A 28 22.73 -0.31 -7.26
C LEU A 28 22.76 -0.01 -5.78
N ARG A 29 21.66 -0.30 -5.08
N ARG A 29 21.66 -0.35 -5.10
CA ARG A 29 21.67 -0.06 -3.65
CA ARG A 29 21.52 -0.11 -3.69
C ARG A 29 22.70 -0.98 -3.00
C ARG A 29 22.49 -1.04 -2.91
N LEU A 30 22.77 -2.22 -3.46
CA LEU A 30 23.64 -3.19 -2.78
C LEU A 30 25.10 -2.79 -2.85
N THR A 31 25.46 -2.06 -3.91
CA THR A 31 26.80 -1.59 -4.11
C THR A 31 26.95 -0.27 -3.38
N GLY A 32 25.94 0.11 -2.59
CA GLY A 32 25.94 1.35 -1.77
C GLY A 32 25.49 2.71 -2.35
N ARG A 33 25.03 2.74 -3.60
CA ARG A 33 24.49 3.99 -4.12
C ARG A 33 23.16 4.22 -3.37
N ARG A 34 22.78 5.47 -3.16
CA ARG A 34 21.49 5.71 -2.60
C ARG A 34 20.48 6.06 -3.72
N VAL A 35 19.31 5.41 -3.70
CA VAL A 35 18.41 5.54 -4.89
C VAL A 35 17.42 6.68 -4.61
N MET A 36 17.32 7.63 -5.54
CA MET A 36 16.43 8.74 -5.33
C MET A 36 15.33 8.55 -6.39
N LEU A 37 14.07 8.74 -5.96
CA LEU A 37 12.98 8.62 -6.95
C LEU A 37 12.27 9.97 -7.13
N VAL A 38 12.03 10.39 -8.40
CA VAL A 38 11.27 11.59 -8.67
C VAL A 38 10.11 11.17 -9.56
N PRO A 39 8.93 11.00 -8.96
CA PRO A 39 7.82 10.57 -9.85
C PRO A 39 7.25 11.71 -10.63
N THR A 40 7.06 11.45 -11.95
CA THR A 40 6.45 12.52 -12.79
C THR A 40 5.38 11.90 -13.70
N MET A 41 4.59 12.81 -14.32
CA MET A 41 3.70 12.39 -15.44
C MET A 41 4.28 12.85 -16.79
N GLY A 42 5.59 13.08 -16.85
CA GLY A 42 6.29 13.61 -18.03
C GLY A 42 5.89 15.07 -18.31
N ALA A 43 6.10 15.52 -19.54
CA ALA A 43 5.91 16.94 -19.88
C ALA A 43 6.79 17.80 -18.95
N LEU A 44 8.08 17.53 -18.97
CA LEU A 44 8.96 18.01 -17.90
C LEU A 44 9.20 19.53 -18.10
N HIS A 45 9.11 20.30 -17.03
CA HIS A 45 9.60 21.69 -17.04
C HIS A 45 10.53 22.00 -15.85
N GLU A 46 10.92 23.26 -15.64
CA GLU A 46 11.95 23.57 -14.64
C GLU A 46 11.50 23.22 -13.22
N GLY A 47 10.17 23.17 -12.99
CA GLY A 47 9.65 22.70 -11.69
C GLY A 47 10.09 21.23 -11.48
N HIS A 48 9.87 20.39 -12.48
CA HIS A 48 10.37 18.98 -12.35
C HIS A 48 11.88 18.98 -12.18
N LEU A 49 12.58 19.86 -12.92
CA LEU A 49 14.09 19.89 -12.84
C LEU A 49 14.62 20.29 -11.47
N ALA A 50 13.86 21.09 -10.72
CA ALA A 50 14.24 21.36 -9.33
C ALA A 50 14.19 20.07 -8.48
N LEU A 51 13.16 19.23 -8.68
CA LEU A 51 13.14 17.94 -7.99
C LEU A 51 14.34 17.12 -8.35
N VAL A 52 14.60 17.01 -9.64
CA VAL A 52 15.79 16.23 -10.12
C VAL A 52 17.10 16.77 -9.49
N ARG A 53 17.28 18.08 -9.48
CA ARG A 53 18.50 18.68 -8.91
C ARG A 53 18.63 18.45 -7.45
N ALA A 54 17.51 18.49 -6.70
CA ALA A 54 17.53 18.15 -5.26
C ALA A 54 17.96 16.68 -5.03
N ALA A 55 17.43 15.77 -5.85
CA ALA A 55 17.76 14.35 -5.78
C ALA A 55 19.28 14.22 -6.07
N LYS A 56 19.78 14.92 -7.11
CA LYS A 56 21.18 14.75 -7.62
C LYS A 56 22.18 15.11 -6.54
N ARG A 57 21.85 16.15 -5.80
CA ARG A 57 22.75 16.62 -4.76
C ARG A 57 22.88 15.74 -3.54
N VAL A 58 22.10 14.67 -3.43
CA VAL A 58 22.26 13.79 -2.23
C VAL A 58 23.51 12.98 -2.53
N PRO A 59 24.53 13.04 -1.63
CA PRO A 59 25.81 12.42 -2.06
C PRO A 59 25.70 10.88 -2.33
N GLY A 60 26.29 10.35 -3.38
CA GLY A 60 26.16 8.90 -3.62
C GLY A 60 24.86 8.58 -4.36
N SER A 61 24.11 9.61 -4.72
CA SER A 61 22.77 9.35 -5.31
C SER A 61 22.85 8.70 -6.68
N VAL A 62 21.90 7.81 -6.98
CA VAL A 62 21.59 7.54 -8.40
C VAL A 62 20.11 7.97 -8.54
N VAL A 63 19.73 8.64 -9.66
CA VAL A 63 18.43 9.35 -9.71
C VAL A 63 17.55 8.56 -10.69
N VAL A 64 16.38 8.11 -10.21
CA VAL A 64 15.37 7.46 -11.05
C VAL A 64 14.26 8.48 -11.22
N VAL A 65 13.94 8.87 -12.47
CA VAL A 65 12.80 9.73 -12.68
C VAL A 65 11.79 8.81 -13.36
N SER A 66 10.61 8.67 -12.78
CA SER A 66 9.63 7.84 -13.50
C SER A 66 8.66 8.79 -14.26
N ILE A 67 8.13 8.26 -15.35
CA ILE A 67 7.20 9.01 -16.21
C ILE A 67 6.05 8.07 -16.47
N PHE A 68 4.85 8.40 -16.03
CA PHE A 68 3.75 7.52 -16.10
C PHE A 68 2.45 8.35 -15.91
N VAL A 69 1.55 8.17 -16.86
CA VAL A 69 0.23 8.83 -16.75
C VAL A 69 -0.80 7.73 -16.45
N ASN A 70 -1.54 7.85 -15.36
CA ASN A 70 -2.66 6.85 -15.11
C ASN A 70 -3.72 6.59 -16.18
N PRO A 71 -4.54 5.57 -15.91
N PRO A 71 -4.72 5.80 -15.86
CA PRO A 71 -5.99 5.45 -16.04
CA PRO A 71 -5.98 6.54 -15.93
C PRO A 71 -6.71 5.31 -14.64
C PRO A 71 -6.61 6.58 -14.53
N MET A 72 -6.08 5.83 -13.56
CA MET A 72 -6.67 5.78 -12.19
C MET A 72 -6.76 7.09 -11.36
N GLN A 73 -5.89 8.09 -11.61
CA GLN A 73 -5.94 9.36 -10.86
C GLN A 73 -6.73 10.36 -11.69
N PHE A 74 -7.08 9.93 -12.91
CA PHE A 74 -7.95 10.70 -13.77
C PHE A 74 -9.33 10.06 -13.63
N GLY A 75 -10.40 10.85 -13.71
CA GLY A 75 -11.72 10.27 -13.46
C GLY A 75 -12.79 10.57 -14.48
N ALA A 76 -12.49 10.32 -15.76
CA ALA A 76 -13.42 10.67 -16.87
C ALA A 76 -14.00 12.09 -16.79
N GLY A 77 -14.52 12.61 -17.89
CA GLY A 77 -14.58 11.91 -19.18
C GLY A 77 -13.36 11.13 -19.63
N GLY A 78 -12.36 11.78 -20.26
CA GLY A 78 -12.33 13.22 -20.48
C GLY A 78 -10.89 13.70 -20.43
N ASP A 79 -10.36 13.72 -19.20
CA ASP A 79 -9.10 14.36 -18.87
C ASP A 79 -7.85 13.54 -19.23
N LEU A 80 -8.02 12.24 -19.15
CA LEU A 80 -6.90 11.32 -19.29
C LEU A 80 -6.34 11.47 -20.69
N ASP A 81 -7.25 11.56 -21.66
CA ASP A 81 -6.88 11.80 -23.07
C ASP A 81 -6.31 13.20 -23.30
N ALA A 82 -6.58 14.14 -22.37
CA ALA A 82 -6.09 15.56 -22.45
C ALA A 82 -4.66 15.83 -21.92
N TYR A 83 -3.99 14.82 -21.39
CA TYR A 83 -2.71 15.07 -20.75
C TYR A 83 -1.52 15.30 -21.74
N PRO A 84 -0.75 16.43 -21.62
CA PRO A 84 0.43 16.66 -22.52
C PRO A 84 1.41 15.47 -22.51
N ARG A 85 1.68 14.89 -23.69
CA ARG A 85 2.48 13.66 -23.74
C ARG A 85 3.69 13.71 -24.65
N THR A 86 4.73 14.45 -24.27
CA THR A 86 5.99 14.47 -25.09
C THR A 86 7.23 13.71 -24.51
N PRO A 87 7.27 12.34 -24.62
CA PRO A 87 8.34 11.51 -23.97
C PRO A 87 9.78 11.83 -24.46
N ASP A 88 9.86 12.12 -25.76
CA ASP A 88 10.99 12.70 -26.48
C ASP A 88 11.83 13.72 -25.73
N ASP A 89 11.33 14.97 -25.72
CA ASP A 89 11.87 16.09 -24.98
C ASP A 89 12.21 15.66 -23.56
N ASP A 90 11.37 14.83 -22.93
CA ASP A 90 11.56 14.53 -21.52
C ASP A 90 12.90 13.86 -21.31
N LEU A 91 13.17 12.84 -22.11
CA LEU A 91 14.42 12.06 -22.00
C LEU A 91 15.65 12.90 -22.28
N ALA A 92 15.53 13.81 -23.24
CA ALA A 92 16.60 14.75 -23.59
C ALA A 92 16.97 15.61 -22.40
N GLN A 93 15.96 16.23 -21.76
CA GLN A 93 16.15 17.02 -20.56
C GLN A 93 16.77 16.22 -19.44
N LEU A 94 16.35 14.97 -19.31
CA LEU A 94 16.95 14.12 -18.29
C LEU A 94 18.41 13.83 -18.63
N ARG A 95 18.70 13.50 -19.90
CA ARG A 95 20.13 13.32 -20.30
C ARG A 95 20.98 14.56 -19.90
N ALA A 96 20.47 15.74 -20.24
CA ALA A 96 21.04 17.03 -19.89
C ALA A 96 21.30 17.21 -18.36
N GLU A 97 20.51 16.57 -17.53
CA GLU A 97 20.63 16.83 -16.10
C GLU A 97 21.53 15.75 -15.54
N GLY A 98 21.95 14.80 -16.37
CA GLY A 98 22.80 13.76 -15.88
C GLY A 98 22.03 12.75 -15.02
N VAL A 99 20.70 12.68 -15.17
CA VAL A 99 19.95 11.51 -14.65
C VAL A 99 20.38 10.22 -15.32
N GLU A 100 20.56 9.15 -14.53
CA GLU A 100 20.96 7.88 -15.06
C GLU A 100 19.87 6.87 -15.31
N ILE A 101 18.67 7.08 -14.72
CA ILE A 101 17.62 6.11 -14.92
C ILE A 101 16.26 6.84 -15.20
N ALA A 102 15.65 6.55 -16.35
CA ALA A 102 14.27 6.92 -16.56
C ALA A 102 13.42 5.61 -16.49
N PHE A 103 12.32 5.65 -15.73
CA PHE A 103 11.46 4.46 -15.67
C PHE A 103 10.10 4.80 -16.36
N THR A 104 9.76 4.17 -17.47
CA THR A 104 8.61 4.60 -18.30
C THR A 104 7.73 3.37 -18.50
N PRO A 105 7.05 2.91 -17.43
CA PRO A 105 6.32 1.63 -17.58
C PRO A 105 5.04 1.78 -18.49
N THR A 106 4.57 0.68 -18.99
CA THR A 106 3.30 0.69 -19.74
C THR A 106 2.12 0.60 -18.79
N THR A 107 0.95 0.98 -19.31
CA THR A 107 -0.26 0.85 -18.47
C THR A 107 -0.51 -0.60 -18.20
N ALA A 108 -0.26 -1.45 -19.19
CA ALA A 108 -0.38 -2.90 -18.93
C ALA A 108 0.54 -3.47 -17.86
N ALA A 109 1.77 -2.98 -17.76
CA ALA A 109 2.69 -3.55 -16.81
C ALA A 109 2.30 -3.03 -15.43
N MET A 110 1.65 -1.86 -15.38
CA MET A 110 1.26 -1.28 -14.04
C MET A 110 -0.08 -1.81 -13.55
N TYR A 111 -0.99 -2.07 -14.52
CA TYR A 111 -2.33 -2.57 -14.19
C TYR A 111 -2.72 -3.88 -14.90
N PRO A 112 -1.90 -4.96 -14.73
CA PRO A 112 -2.17 -6.14 -15.45
C PRO A 112 -3.50 -6.74 -14.96
N ASP A 113 -3.94 -6.41 -13.74
CA ASP A 113 -5.22 -6.90 -13.29
C ASP A 113 -6.27 -5.83 -13.12
N GLY A 114 -6.12 -4.72 -13.84
CA GLY A 114 -7.08 -3.60 -13.73
C GLY A 114 -6.96 -2.99 -12.35
N LEU A 115 -8.05 -2.46 -11.82
CA LEU A 115 -8.00 -1.91 -10.47
C LEU A 115 -8.51 -2.97 -9.54
N ARG A 116 -7.61 -3.57 -8.77
CA ARG A 116 -8.01 -4.70 -7.94
C ARG A 116 -7.68 -4.22 -6.52
N THR A 117 -6.48 -4.50 -5.98
CA THR A 117 -6.19 -3.94 -4.62
C THR A 117 -5.75 -2.48 -4.91
N THR A 118 -6.22 -1.59 -4.08
CA THR A 118 -5.88 -0.15 -4.19
C THR A 118 -5.72 0.46 -2.80
N VAL A 119 -5.19 1.67 -2.83
CA VAL A 119 -5.01 2.39 -1.55
C VAL A 119 -6.24 3.27 -1.36
N GLN A 120 -6.75 3.16 -0.15
CA GLN A 120 -7.86 4.05 0.32
C GLN A 120 -7.21 5.15 1.21
N PRO A 121 -7.07 6.41 0.67
CA PRO A 121 -6.50 7.47 1.53
C PRO A 121 -7.47 7.77 2.71
N GLY A 122 -6.96 8.47 3.71
CA GLY A 122 -7.76 9.00 4.83
C GLY A 122 -8.68 10.16 4.33
N PRO A 123 -9.41 10.77 5.27
CA PRO A 123 -10.50 11.71 4.92
C PRO A 123 -9.99 13.00 4.25
N LEU A 124 -8.70 13.30 4.40
CA LEU A 124 -8.14 14.49 3.65
C LEU A 124 -8.37 14.36 2.12
N ALA A 125 -8.40 13.10 1.59
CA ALA A 125 -8.53 12.96 0.15
C ALA A 125 -9.93 13.41 -0.32
N ALA A 126 -10.88 13.60 0.62
CA ALA A 126 -12.24 14.00 0.14
C ALA A 126 -12.40 15.50 0.05
N GLU A 127 -11.38 16.22 0.44
CA GLU A 127 -11.46 17.69 0.55
C GLU A 127 -10.60 18.35 -0.47
N LEU A 128 -10.75 19.67 -0.57
CA LEU A 128 -9.93 20.47 -1.48
C LEU A 128 -9.96 19.91 -2.87
N GLU A 129 -8.80 19.49 -3.40
CA GLU A 129 -8.80 18.91 -4.78
C GLU A 129 -9.71 17.68 -4.90
N GLY A 130 -9.96 17.00 -3.77
CA GLY A 130 -10.74 15.76 -3.79
C GLY A 130 -12.24 15.99 -3.72
N GLY A 131 -12.64 17.25 -3.53
CA GLY A 131 -14.06 17.54 -3.27
C GLY A 131 -14.90 17.03 -4.42
N PRO A 132 -14.61 17.54 -5.63
CA PRO A 132 -15.33 17.14 -6.83
C PRO A 132 -14.85 15.82 -7.43
N ARG A 133 -13.68 15.33 -6.96
CA ARG A 133 -13.01 14.16 -7.56
C ARG A 133 -12.64 13.20 -6.47
N PRO A 134 -13.66 12.61 -5.84
CA PRO A 134 -13.41 11.91 -4.60
C PRO A 134 -12.53 10.61 -4.80
N THR A 135 -12.29 10.18 -6.04
CA THR A 135 -11.32 9.06 -6.32
C THR A 135 -9.94 9.45 -6.75
N HIS A 136 -9.72 10.76 -6.96
CA HIS A 136 -8.48 11.20 -7.50
C HIS A 136 -7.24 10.75 -6.68
N PHE A 137 -7.25 11.03 -5.39
CA PHE A 137 -6.05 10.71 -4.58
C PHE A 137 -5.88 9.20 -4.33
N ALA A 138 -6.94 8.40 -4.33
CA ALA A 138 -6.78 6.92 -4.26
C ALA A 138 -5.97 6.51 -5.50
N GLY A 139 -6.29 7.05 -6.66
CA GLY A 139 -5.44 6.83 -7.89
C GLY A 139 -3.97 7.22 -7.75
N VAL A 140 -3.73 8.40 -7.18
CA VAL A 140 -2.37 8.90 -7.04
C VAL A 140 -1.61 8.05 -6.01
N LEU A 141 -2.24 7.81 -4.85
CA LEU A 141 -1.47 7.10 -3.81
C LEU A 141 -1.24 5.64 -4.22
N THR A 142 -2.15 5.06 -4.98
CA THR A 142 -1.99 3.64 -5.44
C THR A 142 -0.75 3.61 -6.36
N VAL A 143 -0.66 4.56 -7.32
CA VAL A 143 0.54 4.56 -8.16
CA VAL A 143 0.54 4.61 -8.16
C VAL A 143 1.80 4.87 -7.35
N VAL A 144 1.72 5.80 -6.42
CA VAL A 144 2.96 6.16 -5.74
C VAL A 144 3.43 4.98 -4.89
N LEU A 145 2.47 4.25 -4.25
CA LEU A 145 2.90 3.07 -3.47
C LEU A 145 3.58 2.05 -4.40
N LYS A 146 3.02 1.84 -5.59
CA LYS A 146 3.62 0.81 -6.50
C LYS A 146 5.02 1.20 -6.95
N LEU A 147 5.17 2.49 -7.27
CA LEU A 147 6.49 3.07 -7.66
C LEU A 147 7.48 2.93 -6.53
N LEU A 148 7.02 3.15 -5.29
CA LEU A 148 7.91 3.02 -4.16
C LEU A 148 8.36 1.54 -3.94
N GLN A 149 7.46 0.62 -4.20
CA GLN A 149 7.78 -0.82 -4.05
C GLN A 149 8.67 -1.32 -5.16
N ILE A 150 8.44 -0.87 -6.39
CA ILE A 150 9.24 -1.31 -7.54
C ILE A 150 10.70 -0.78 -7.40
N VAL A 151 10.81 0.51 -7.04
CA VAL A 151 12.09 1.21 -7.13
C VAL A 151 12.80 1.13 -5.77
N ARG A 152 12.03 1.04 -4.67
CA ARG A 152 12.55 1.06 -3.26
C ARG A 152 13.59 2.13 -3.07
N PRO A 153 13.22 3.36 -3.32
CA PRO A 153 14.17 4.44 -3.10
C PRO A 153 14.43 4.70 -1.61
N ASP A 154 15.57 5.35 -1.38
CA ASP A 154 15.87 5.94 -0.06
C ASP A 154 15.08 7.20 0.22
N ARG A 155 14.82 7.99 -0.84
CA ARG A 155 14.16 9.25 -0.70
C ARG A 155 13.34 9.38 -2.00
N VAL A 156 12.19 10.00 -1.80
CA VAL A 156 11.30 10.31 -2.93
C VAL A 156 10.96 11.79 -2.87
N PHE A 157 10.83 12.41 -4.04
CA PHE A 157 10.78 13.89 -4.11
C PHE A 157 9.46 14.32 -4.74
N PHE A 158 8.75 15.24 -4.06
CA PHE A 158 7.52 15.83 -4.58
C PHE A 158 7.55 17.35 -4.43
N GLY A 159 6.79 18.08 -5.29
CA GLY A 159 6.84 19.53 -5.19
C GLY A 159 5.81 20.01 -4.15
N GLU A 160 6.12 21.12 -3.51
CA GLU A 160 5.14 21.78 -2.61
C GLU A 160 3.94 22.31 -3.37
N LYS A 161 4.13 22.55 -4.67
CA LYS A 161 3.04 23.10 -5.45
C LYS A 161 1.72 22.30 -5.24
N ASP A 162 1.83 20.96 -5.34
CA ASP A 162 0.71 20.08 -5.08
C ASP A 162 0.83 19.68 -3.61
N TYR A 163 0.52 20.67 -2.74
CA TYR A 163 0.75 20.54 -1.34
C TYR A 163 -0.13 19.45 -0.74
N GLN A 164 -1.39 19.41 -1.16
CA GLN A 164 -2.30 18.37 -0.58
C GLN A 164 -1.84 16.98 -0.96
N GLN A 165 -1.37 16.84 -2.16
CA GLN A 165 -0.80 15.55 -2.61
C GLN A 165 0.44 15.20 -1.73
N LEU A 166 1.31 16.18 -1.42
CA LEU A 166 2.51 15.97 -0.62
C LEU A 166 2.14 15.47 0.76
N VAL A 167 1.16 16.14 1.41
CA VAL A 167 0.67 15.72 2.69
C VAL A 167 0.15 14.29 2.61
N LEU A 168 -0.65 13.96 1.58
CA LEU A 168 -1.20 12.61 1.44
C LEU A 168 -0.13 11.59 1.27
N ILE A 169 0.97 11.97 0.61
CA ILE A 169 2.02 11.00 0.41
C ILE A 169 2.75 10.84 1.76
N ARG A 170 2.93 11.91 2.52
CA ARG A 170 3.46 11.71 3.84
C ARG A 170 2.54 10.83 4.67
N GLN A 171 1.20 10.96 4.52
CA GLN A 171 0.32 10.11 5.32
C GLN A 171 0.51 8.65 4.91
N LEU A 172 0.57 8.40 3.62
CA LEU A 172 0.76 7.02 3.05
C LEU A 172 2.07 6.45 3.62
N VAL A 173 3.14 7.21 3.56
CA VAL A 173 4.42 6.71 4.07
C VAL A 173 4.34 6.39 5.55
N ALA A 174 3.78 7.31 6.32
CA ALA A 174 3.66 7.01 7.78
C ALA A 174 2.77 5.81 8.07
N ASP A 175 1.61 5.83 7.46
CA ASP A 175 0.51 4.88 7.83
C ASP A 175 0.78 3.43 7.40
N PHE A 176 1.58 3.29 6.32
CA PHE A 176 2.05 1.98 5.89
C PHE A 176 3.49 1.63 6.28
N ASN A 177 4.11 2.47 7.15
CA ASN A 177 5.48 2.20 7.73
C ASN A 177 6.49 2.04 6.59
N LEU A 178 6.28 2.83 5.55
CA LEU A 178 7.22 2.75 4.40
C LEU A 178 8.58 3.31 4.78
N ASP A 179 9.61 2.59 4.37
CA ASP A 179 10.93 2.92 4.72
C ASP A 179 11.55 3.84 3.63
N VAL A 180 11.05 5.07 3.49
CA VAL A 180 11.56 6.06 2.50
C VAL A 180 11.34 7.40 3.19
N ALA A 181 12.19 8.36 2.89
CA ALA A 181 12.09 9.71 3.38
C ALA A 181 11.38 10.49 2.23
N VAL A 182 10.36 11.25 2.62
CA VAL A 182 9.67 12.09 1.62
C VAL A 182 10.26 13.52 1.71
N VAL A 183 10.72 14.05 0.57
CA VAL A 183 11.37 15.37 0.53
C VAL A 183 10.44 16.23 -0.26
N GLY A 184 9.90 17.30 0.34
CA GLY A 184 9.08 18.30 -0.36
C GLY A 184 10.08 19.34 -0.93
N VAL A 185 9.88 19.74 -2.16
CA VAL A 185 10.74 20.72 -2.82
C VAL A 185 9.94 21.99 -3.09
N PRO A 186 10.51 23.17 -2.78
CA PRO A 186 9.76 24.40 -2.95
C PRO A 186 9.34 24.63 -4.40
N THR A 187 8.19 25.25 -4.55
CA THR A 187 7.58 25.55 -5.85
C THR A 187 8.46 26.50 -6.71
N VAL A 188 8.71 26.11 -7.93
CA VAL A 188 9.50 26.89 -8.84
C VAL A 188 8.51 27.78 -9.60
N ARG A 189 8.88 29.05 -9.82
CA ARG A 189 7.91 30.02 -10.32
C ARG A 189 8.52 30.78 -11.48
N GLU A 190 7.67 31.23 -12.40
CA GLU A 190 8.09 32.16 -13.46
C GLU A 190 8.52 33.47 -12.82
N ALA A 191 9.08 34.41 -13.62
CA ALA A 191 9.61 35.62 -13.02
C ALA A 191 8.52 36.49 -12.36
N ASP A 192 7.27 36.38 -12.79
CA ASP A 192 6.23 37.20 -12.21
C ASP A 192 5.51 36.51 -11.04
N GLY A 193 5.88 35.27 -10.74
CA GLY A 193 5.39 34.57 -9.56
C GLY A 193 4.57 33.32 -9.94
N LEU A 194 4.16 33.18 -11.21
CA LEU A 194 3.21 32.12 -11.60
C LEU A 194 3.91 30.77 -11.33
N ALA A 195 3.27 29.87 -10.60
CA ALA A 195 3.85 28.52 -10.33
C ALA A 195 4.02 27.74 -11.61
N MET A 196 5.19 27.19 -11.91
CA MET A 196 5.35 26.40 -13.12
C MET A 196 4.42 25.19 -13.13
N SER A 197 3.83 24.87 -14.31
CA SER A 197 2.90 23.75 -14.32
C SER A 197 2.74 23.37 -15.77
N SER A 198 2.66 22.06 -16.05
CA SER A 198 2.46 21.64 -17.47
C SER A 198 1.14 22.25 -17.94
N ARG A 199 0.20 22.47 -17.02
CA ARG A 199 -1.10 23.03 -17.49
C ARG A 199 -1.04 24.51 -17.93
N ASN A 200 0.04 25.21 -17.59
CA ASN A 200 0.15 26.62 -17.95
C ASN A 200 0.15 26.75 -19.47
N ARG A 201 0.39 25.66 -20.21
CA ARG A 201 0.46 25.82 -21.70
C ARG A 201 -0.94 26.06 -22.25
N TYR A 202 -1.98 25.77 -21.46
CA TYR A 202 -3.37 25.99 -21.89
C TYR A 202 -3.92 27.36 -21.61
N LEU A 203 -3.06 28.30 -21.20
CA LEU A 203 -3.46 29.69 -20.94
C LEU A 203 -3.14 30.47 -22.20
N ASP A 204 -4.13 31.17 -22.72
CA ASP A 204 -3.82 32.10 -23.84
C ASP A 204 -3.13 33.36 -23.25
N PRO A 205 -2.63 34.26 -24.11
CA PRO A 205 -1.84 35.38 -23.57
C PRO A 205 -2.57 36.23 -22.51
N ALA A 206 -3.87 36.46 -22.69
CA ALA A 206 -4.63 37.19 -21.68
C ALA A 206 -4.79 36.41 -20.38
N GLN A 207 -5.09 35.12 -20.50
CA GLN A 207 -5.26 34.24 -19.33
C GLN A 207 -3.90 34.11 -18.61
N ARG A 208 -2.78 34.10 -19.37
CA ARG A 208 -1.47 34.05 -18.77
C ARG A 208 -1.19 35.32 -17.95
N ALA A 209 -1.60 36.45 -18.47
CA ALA A 209 -1.50 37.74 -17.77
C ALA A 209 -2.35 37.70 -16.46
N ALA A 210 -3.56 37.21 -16.55
CA ALA A 210 -4.49 37.24 -15.41
C ALA A 210 -4.00 36.26 -14.33
N ALA A 211 -3.31 35.21 -14.76
CA ALA A 211 -3.01 34.09 -13.82
C ALA A 211 -2.00 34.49 -12.73
N VAL A 212 -1.33 35.60 -12.92
CA VAL A 212 -0.40 36.10 -11.91
C VAL A 212 -1.16 36.37 -10.58
N ALA A 213 -2.48 36.58 -10.67
CA ALA A 213 -3.24 36.92 -9.42
C ALA A 213 -3.20 35.81 -8.39
N LEU A 214 -2.95 34.55 -8.79
CA LEU A 214 -2.97 33.50 -7.76
C LEU A 214 -1.81 33.73 -6.81
N SER A 215 -0.63 33.82 -7.41
CA SER A 215 0.63 33.98 -6.64
C SER A 215 0.65 35.38 -5.97
N ALA A 216 0.15 36.38 -6.66
CA ALA A 216 0.08 37.76 -6.03
C ALA A 216 -0.85 37.75 -4.80
N ALA A 217 -1.98 37.06 -4.88
CA ALA A 217 -2.97 36.92 -3.77
C ALA A 217 -2.27 36.24 -2.57
N LEU A 218 -1.60 35.11 -2.85
CA LEU A 218 -0.97 34.37 -1.80
C LEU A 218 0.13 35.18 -1.16
N THR A 219 0.99 35.84 -1.96
CA THR A 219 2.11 36.52 -1.33
C THR A 219 1.55 37.78 -0.62
N ALA A 220 0.51 38.40 -1.17
CA ALA A 220 -0.11 39.53 -0.43
C ALA A 220 -0.61 39.00 0.94
N ALA A 221 -1.30 37.84 0.95
CA ALA A 221 -1.86 37.28 2.23
C ALA A 221 -0.69 36.97 3.17
N ALA A 222 0.38 36.37 2.68
CA ALA A 222 1.52 36.05 3.59
C ALA A 222 2.02 37.28 4.31
N HIS A 223 2.17 38.43 3.60
CA HIS A 223 2.58 39.67 4.22
C HIS A 223 1.54 40.31 5.08
N ALA A 224 0.27 40.25 4.67
CA ALA A 224 -0.82 40.79 5.43
C ALA A 224 -1.00 40.11 6.76
N ALA A 225 -0.38 38.91 6.90
CA ALA A 225 -0.80 37.98 8.00
C ALA A 225 -0.26 38.46 9.35
N THR A 226 0.59 39.49 9.38
CA THR A 226 0.96 40.14 10.70
C THR A 226 -0.28 40.69 11.35
N ALA A 227 -1.26 41.04 10.54
CA ALA A 227 -2.54 41.55 11.00
C ALA A 227 -3.58 40.51 11.27
N GLY A 228 -3.19 39.24 11.19
CA GLY A 228 -4.11 38.14 11.54
C GLY A 228 -4.67 37.36 10.35
N ALA A 229 -5.35 36.25 10.64
CA ALA A 229 -5.89 35.35 9.58
C ALA A 229 -6.96 36.01 8.70
N GLN A 230 -7.86 36.77 9.29
CA GLN A 230 -8.90 37.40 8.54
C GLN A 230 -8.31 38.44 7.55
N ALA A 231 -7.30 39.19 7.99
CA ALA A 231 -6.67 40.18 7.15
C ALA A 231 -6.01 39.46 5.98
N ALA A 232 -5.39 38.32 6.26
CA ALA A 232 -4.59 37.65 5.21
C ALA A 232 -5.57 37.15 4.15
N LEU A 233 -6.60 36.44 4.62
CA LEU A 233 -7.61 35.93 3.69
C LEU A 233 -8.27 37.03 2.88
N ASP A 234 -8.64 38.15 3.51
CA ASP A 234 -9.32 39.23 2.76
C ASP A 234 -8.37 39.90 1.74
N ALA A 235 -7.07 39.99 2.08
CA ALA A 235 -6.06 40.52 1.15
C ALA A 235 -6.02 39.58 -0.11
N ALA A 236 -5.93 38.28 0.12
CA ALA A 236 -5.90 37.30 -1.03
C ALA A 236 -7.21 37.45 -1.82
N ARG A 237 -8.35 37.54 -1.11
CA ARG A 237 -9.60 37.55 -1.87
C ARG A 237 -9.70 38.79 -2.73
N ALA A 238 -9.23 39.91 -2.18
CA ALA A 238 -9.34 41.18 -2.86
C ALA A 238 -8.53 41.10 -4.16
N VAL A 239 -7.31 40.52 -4.08
CA VAL A 239 -6.45 40.48 -5.26
C VAL A 239 -7.18 39.60 -6.32
N LEU A 240 -7.67 38.45 -5.87
CA LEU A 240 -8.34 37.47 -6.81
C LEU A 240 -9.59 38.13 -7.39
N ASP A 241 -10.31 38.89 -6.55
CA ASP A 241 -11.51 39.65 -7.02
C ASP A 241 -11.14 40.73 -8.04
N ALA A 242 -9.91 41.27 -7.98
CA ALA A 242 -9.51 42.29 -8.93
C ALA A 242 -9.09 41.70 -10.25
N ALA A 243 -9.13 40.36 -10.38
CA ALA A 243 -8.49 39.67 -11.55
C ALA A 243 -9.56 39.24 -12.52
N PRO A 244 -9.50 39.82 -13.73
CA PRO A 244 -10.41 39.58 -14.82
C PRO A 244 -10.36 38.14 -15.26
N GLY A 245 -11.46 37.41 -15.10
CA GLY A 245 -11.53 36.11 -15.76
C GLY A 245 -10.91 35.02 -14.91
N VAL A 246 -10.56 35.36 -13.68
CA VAL A 246 -10.13 34.31 -12.72
C VAL A 246 -11.31 33.83 -11.95
N ALA A 247 -11.67 32.56 -12.06
CA ALA A 247 -12.78 32.15 -11.26
C ALA A 247 -12.34 31.22 -10.15
N VAL A 248 -12.51 31.68 -8.92
CA VAL A 248 -11.97 30.94 -7.75
C VAL A 248 -12.79 29.68 -7.39
N ASP A 249 -12.15 28.50 -7.34
CA ASP A 249 -12.81 27.28 -6.85
C ASP A 249 -12.73 27.23 -5.37
N TYR A 250 -11.55 27.40 -4.81
CA TYR A 250 -11.47 27.52 -3.33
C TYR A 250 -10.30 28.44 -2.93
N LEU A 251 -10.39 29.00 -1.74
CA LEU A 251 -9.21 29.72 -1.17
C LEU A 251 -9.29 29.42 0.31
N GLU A 252 -8.33 28.66 0.86
CA GLU A 252 -8.53 28.17 2.20
C GLU A 252 -7.24 28.19 2.93
N LEU A 253 -7.37 28.56 4.21
CA LEU A 253 -6.19 28.62 5.06
C LEU A 253 -6.29 27.47 6.03
N ARG A 254 -5.34 26.57 6.00
CA ARG A 254 -5.38 25.43 6.87
C ARG A 254 -4.18 25.32 7.74
N ASP A 255 -4.28 24.43 8.71
CA ASP A 255 -3.09 24.02 9.41
C ASP A 255 -2.04 23.41 8.47
N ILE A 256 -0.76 23.34 8.83
CA ILE A 256 0.19 22.74 7.87
C ILE A 256 -0.02 21.29 7.41
N GLY A 257 -0.60 20.45 8.24
CA GLY A 257 -0.84 19.06 7.84
C GLY A 257 -2.21 18.97 7.21
N LEU A 258 -2.87 20.14 6.99
CA LEU A 258 -4.18 20.30 6.30
C LEU A 258 -5.23 19.63 7.10
N GLY A 259 -4.81 19.18 8.30
CA GLY A 259 -5.43 18.08 9.05
C GLY A 259 -6.58 18.51 9.94
N PRO A 260 -7.16 17.56 10.74
CA PRO A 260 -8.25 17.92 11.69
C PRO A 260 -7.82 18.75 12.93
N MET A 261 -6.95 19.76 12.73
CA MET A 261 -6.44 20.60 13.82
C MET A 261 -6.75 22.05 13.47
N PRO A 262 -7.19 22.86 14.47
CA PRO A 262 -7.47 24.27 14.14
C PRO A 262 -6.16 24.96 13.76
N LEU A 263 -6.26 26.08 13.08
CA LEU A 263 -5.09 26.86 12.75
C LEU A 263 -4.55 27.61 13.99
N ASN A 264 -3.22 27.56 14.17
CA ASN A 264 -2.54 28.34 15.25
C ASN A 264 -1.67 29.54 14.73
N GLY A 265 -0.35 29.48 14.93
CA GLY A 265 0.60 30.40 14.30
C GLY A 265 0.98 30.08 12.85
N SER A 266 1.05 28.80 12.48
CA SER A 266 1.47 28.45 11.11
C SER A 266 0.43 27.70 10.32
N GLY A 267 0.37 28.10 9.07
CA GLY A 267 -0.68 27.68 8.16
C GLY A 267 -0.13 27.54 6.73
N ARG A 268 -0.99 26.93 5.95
CA ARG A 268 -0.79 26.96 4.56
C ARG A 268 -2.01 27.57 3.99
N LEU A 269 -1.79 28.50 3.03
CA LEU A 269 -2.91 29.07 2.33
C LEU A 269 -2.98 28.44 0.92
N LEU A 270 -4.13 27.88 0.57
CA LEU A 270 -4.24 27.15 -0.70
C LEU A 270 -5.28 27.77 -1.58
N VAL A 271 -4.95 27.83 -2.83
CA VAL A 271 -5.96 28.40 -3.80
C VAL A 271 -6.07 27.49 -5.02
N ALA A 272 -7.29 27.41 -5.59
CA ALA A 272 -7.48 26.81 -6.92
C ALA A 272 -8.44 27.69 -7.66
N ALA A 273 -8.20 27.88 -8.97
CA ALA A 273 -8.99 28.81 -9.74
C ALA A 273 -9.01 28.38 -11.19
N ARG A 274 -10.07 28.69 -11.91
CA ARG A 274 -10.13 28.41 -13.37
C ARG A 274 -9.91 29.68 -14.14
N LEU A 275 -9.10 29.59 -15.19
CA LEU A 275 -8.94 30.66 -16.16
C LEU A 275 -9.47 30.04 -17.48
N GLY A 276 -10.70 30.36 -17.89
CA GLY A 276 -11.40 29.51 -18.90
C GLY A 276 -11.57 28.05 -18.49
N THR A 277 -10.95 27.14 -19.24
CA THR A 277 -11.10 25.74 -18.89
C THR A 277 -9.90 25.26 -18.07
N THR A 278 -8.84 26.06 -18.04
CA THR A 278 -7.64 25.64 -17.22
C THR A 278 -7.75 25.86 -15.70
N ARG A 279 -7.62 24.79 -14.92
CA ARG A 279 -7.68 24.87 -13.47
C ARG A 279 -6.25 25.02 -12.93
N LEU A 280 -5.99 26.07 -12.16
CA LEU A 280 -4.60 26.27 -11.65
C LEU A 280 -4.59 26.19 -10.10
N LEU A 281 -3.49 25.67 -9.56
CA LEU A 281 -3.44 25.55 -8.07
C LEU A 281 -2.20 26.32 -7.64
N ASP A 282 -2.20 26.78 -6.39
CA ASP A 282 -0.91 27.30 -5.85
C ASP A 282 -1.13 27.31 -4.34
N ASN A 283 -0.05 27.45 -3.61
CA ASN A 283 -0.23 27.54 -2.16
C ASN A 283 1.01 28.22 -1.54
N ILE A 284 0.92 28.65 -0.27
CA ILE A 284 2.08 29.33 0.29
C ILE A 284 2.06 29.10 1.82
N ALA A 285 3.26 29.11 2.42
CA ALA A 285 3.35 29.08 3.86
C ALA A 285 2.80 30.39 4.39
N ILE A 286 2.06 30.34 5.49
CA ILE A 286 1.50 31.55 6.17
C ILE A 286 1.90 31.51 7.65
N GLU A 287 2.46 32.60 8.20
CA GLU A 287 2.74 32.72 9.67
CA GLU A 287 2.67 32.68 9.68
C GLU A 287 1.78 33.76 10.23
N ILE A 288 0.92 33.40 11.19
CA ILE A 288 -0.05 34.38 11.68
C ILE A 288 0.55 35.26 12.77
N GLY A 289 0.46 36.59 12.64
CA GLY A 289 1.00 37.54 13.68
C GLY A 289 2.53 37.60 13.86
N THR A 290 3.28 37.53 12.76
CA THR A 290 4.78 37.27 12.80
C THR A 290 5.56 38.45 12.18
N ALA B 3 22.25 3.73 16.19
CA ALA B 3 22.77 2.44 16.75
C ALA B 3 21.67 1.36 16.79
N ILE B 4 21.94 0.21 16.15
CA ILE B 4 21.03 -0.96 16.06
C ILE B 4 20.61 -1.46 17.47
N PRO B 5 19.32 -1.80 17.70
CA PRO B 5 18.98 -2.37 19.06
C PRO B 5 19.72 -3.69 19.30
N ALA B 6 19.73 -4.15 20.56
CA ALA B 6 20.42 -5.38 20.91
C ALA B 6 19.75 -6.63 20.32
N PHE B 7 20.55 -7.49 19.70
CA PHE B 7 20.07 -8.80 19.22
C PHE B 7 21.03 -9.93 19.62
N HIS B 8 20.53 -10.91 20.38
CA HIS B 8 21.33 -12.06 20.79
C HIS B 8 21.03 -13.32 19.99
N PRO B 9 21.95 -13.65 19.07
CA PRO B 9 21.73 -14.81 18.23
C PRO B 9 21.38 -15.99 19.08
N GLY B 10 20.45 -16.79 18.62
CA GLY B 10 20.09 -18.01 19.31
C GLY B 10 19.19 -17.85 20.53
N GLU B 11 18.83 -16.62 20.88
CA GLU B 11 17.84 -16.43 21.95
C GLU B 11 16.57 -15.77 21.39
N LEU B 12 15.48 -15.87 22.12
CA LEU B 12 14.24 -15.19 21.76
C LEU B 12 14.40 -13.72 22.13
N ASN B 13 14.40 -12.84 21.12
CA ASN B 13 14.54 -11.43 21.30
C ASN B 13 13.20 -10.81 21.05
N VAL B 14 12.67 -10.12 22.05
CA VAL B 14 11.36 -9.54 21.95
C VAL B 14 11.45 -8.04 21.72
N TYR B 15 10.78 -7.55 20.66
CA TYR B 15 10.70 -6.10 20.36
C TYR B 15 9.29 -5.69 20.27
N SER B 16 8.99 -4.57 20.90
CA SER B 16 7.62 -4.03 20.78
C SER B 16 7.52 -2.82 19.88
N ALA B 17 8.63 -2.08 19.69
CA ALA B 17 8.57 -0.87 18.88
C ALA B 17 8.79 -1.28 17.41
N PRO B 18 7.94 -0.78 16.50
CA PRO B 18 8.16 -1.12 15.11
C PRO B 18 9.58 -0.73 14.59
N GLY B 19 10.10 0.43 15.00
CA GLY B 19 11.42 0.84 14.49
C GLY B 19 12.50 -0.09 14.92
N ASP B 20 12.42 -0.58 16.15
CA ASP B 20 13.37 -1.58 16.64
C ASP B 20 13.40 -2.86 15.78
N VAL B 21 12.25 -3.47 15.57
CA VAL B 21 12.29 -4.72 14.82
C VAL B 21 12.75 -4.39 13.40
N ALA B 22 12.32 -3.22 12.90
CA ALA B 22 12.78 -2.80 11.57
C ALA B 22 14.31 -2.69 11.51
N ASP B 23 14.90 -2.03 12.51
CA ASP B 23 16.39 -1.84 12.53
C ASP B 23 17.14 -3.14 12.64
N VAL B 24 16.66 -4.01 13.50
CA VAL B 24 17.29 -5.34 13.67
C VAL B 24 17.17 -6.14 12.42
N SER B 25 16.00 -6.08 11.79
CA SER B 25 15.80 -6.96 10.66
C SER B 25 16.71 -6.47 9.52
N ARG B 26 16.81 -5.13 9.33
CA ARG B 26 17.70 -4.57 8.26
C ARG B 26 19.15 -4.99 8.53
N ALA B 27 19.59 -4.78 9.77
CA ALA B 27 20.95 -5.20 10.18
C ALA B 27 21.18 -6.70 9.97
N LEU B 28 20.22 -7.55 10.37
CA LEU B 28 20.38 -9.00 10.19
C LEU B 28 20.47 -9.38 8.71
N ARG B 29 19.61 -8.77 7.88
CA ARG B 29 19.61 -9.07 6.44
C ARG B 29 20.96 -8.69 5.79
N LEU B 30 21.61 -7.68 6.33
CA LEU B 30 22.90 -7.19 5.79
C LEU B 30 24.08 -8.11 6.11
N THR B 31 23.94 -8.89 7.17
CA THR B 31 24.88 -9.91 7.58
C THR B 31 24.56 -11.26 6.91
N GLY B 32 23.71 -11.24 5.87
CA GLY B 32 23.36 -12.47 5.14
C GLY B 32 22.43 -13.46 5.85
N ARG B 33 21.49 -12.98 6.68
CA ARG B 33 20.39 -13.86 7.17
C ARG B 33 19.24 -13.58 6.21
N ARG B 34 18.39 -14.56 6.00
CA ARG B 34 17.13 -14.36 5.22
C ARG B 34 16.03 -14.28 6.28
N VAL B 35 15.31 -13.16 6.25
CA VAL B 35 14.31 -12.85 7.28
C VAL B 35 12.98 -13.49 6.86
N MET B 36 12.40 -14.31 7.76
CA MET B 36 11.14 -15.00 7.49
C MET B 36 10.13 -14.35 8.45
N LEU B 37 8.93 -14.02 7.96
CA LEU B 37 7.94 -13.38 8.85
C LEU B 37 6.77 -14.36 9.00
N VAL B 38 6.28 -14.60 10.25
CA VAL B 38 5.17 -15.45 10.46
C VAL B 38 4.17 -14.62 11.29
N PRO B 39 3.12 -14.06 10.64
CA PRO B 39 2.19 -13.16 11.37
C PRO B 39 1.18 -13.97 12.16
N THR B 40 0.97 -13.60 13.41
CA THR B 40 -0.05 -14.34 14.20
C THR B 40 -0.81 -13.37 15.11
N MET B 41 -1.89 -13.90 15.69
CA MET B 41 -2.59 -13.16 16.74
C MET B 41 -2.32 -13.75 18.12
N GLY B 42 -1.19 -14.44 18.23
CA GLY B 42 -0.87 -15.12 19.55
C GLY B 42 -1.85 -16.25 19.90
N ALA B 43 -1.97 -16.58 21.20
CA ALA B 43 -2.63 -17.84 21.58
C ALA B 43 -2.11 -19.01 20.74
N LEU B 44 -0.78 -19.20 20.71
CA LEU B 44 -0.19 -20.15 19.71
C LEU B 44 -0.59 -21.62 19.85
N HIS B 45 -0.99 -22.26 18.76
CA HIS B 45 -1.11 -23.75 18.76
C HIS B 45 -0.34 -24.41 17.64
N GLU B 46 -0.49 -25.72 17.50
CA GLU B 46 0.35 -26.48 16.59
C GLU B 46 0.17 -26.00 15.17
N GLY B 47 -1.02 -25.46 14.87
CA GLY B 47 -1.24 -24.93 13.49
C GLY B 47 -0.26 -23.74 13.23
N HIS B 48 -0.14 -22.85 14.20
CA HIS B 48 0.83 -21.77 14.09
C HIS B 48 2.24 -22.26 14.04
N LEU B 49 2.59 -23.30 14.82
CA LEU B 49 3.98 -23.77 14.87
C LEU B 49 4.38 -24.45 13.58
N ALA B 50 3.41 -24.96 12.81
CA ALA B 50 3.80 -25.47 11.55
C ALA B 50 4.26 -24.33 10.63
N LEU B 51 3.72 -23.10 10.77
CA LEU B 51 4.25 -21.94 9.93
C LEU B 51 5.67 -21.67 10.37
N VAL B 52 5.83 -21.63 11.69
CA VAL B 52 7.16 -21.44 12.25
C VAL B 52 8.18 -22.47 11.75
N ARG B 53 7.85 -23.75 11.82
CA ARG B 53 8.77 -24.80 11.34
C ARG B 53 9.08 -24.66 9.90
N ALA B 54 8.07 -24.25 9.12
CA ALA B 54 8.33 -24.05 7.69
C ALA B 54 9.34 -22.92 7.48
N ALA B 55 9.24 -21.85 8.26
CA ALA B 55 10.09 -20.69 8.06
C ALA B 55 11.51 -21.13 8.52
N LYS B 56 11.57 -21.84 9.64
CA LYS B 56 12.87 -22.31 10.15
C LYS B 56 13.72 -23.13 9.19
N ARG B 57 13.10 -23.91 8.32
CA ARG B 57 13.97 -24.76 7.52
CA ARG B 57 13.75 -24.81 7.35
C ARG B 57 14.55 -24.07 6.29
N VAL B 58 14.22 -22.79 6.07
CA VAL B 58 14.88 -22.09 4.96
C VAL B 58 16.36 -21.83 5.40
N PRO B 59 17.33 -22.20 4.56
CA PRO B 59 18.71 -22.01 5.05
C PRO B 59 19.06 -20.54 5.30
N GLY B 60 19.73 -20.30 6.40
CA GLY B 60 20.15 -18.90 6.76
C GLY B 60 19.01 -18.09 7.38
N SER B 61 17.91 -18.74 7.70
CA SER B 61 16.67 -18.03 8.19
C SER B 61 16.88 -17.43 9.56
N VAL B 62 16.29 -16.25 9.76
CA VAL B 62 16.03 -15.83 11.10
C VAL B 62 14.50 -15.62 11.06
N VAL B 63 13.86 -16.10 12.10
CA VAL B 63 12.39 -16.16 12.07
C VAL B 63 11.85 -15.02 12.94
N VAL B 64 10.95 -14.22 12.34
CA VAL B 64 10.24 -13.18 13.04
C VAL B 64 8.78 -13.65 13.17
N VAL B 65 8.35 -13.85 14.43
CA VAL B 65 6.95 -14.10 14.67
C VAL B 65 6.29 -12.85 15.23
N SER B 66 5.21 -12.32 14.59
CA SER B 66 4.58 -11.13 15.11
C SER B 66 3.36 -11.64 15.83
N ILE B 67 3.01 -10.89 16.87
CA ILE B 67 1.83 -11.23 17.64
C ILE B 67 1.09 -9.93 17.76
N PHE B 68 -0.10 -9.88 17.15
CA PHE B 68 -0.85 -8.61 17.14
C PHE B 68 -2.29 -8.87 16.92
N VAL B 69 -3.16 -8.35 17.80
CA VAL B 69 -4.64 -8.47 17.60
C VAL B 69 -5.19 -7.17 17.01
N ASN B 70 -5.95 -7.26 15.92
CA ASN B 70 -6.53 -6.04 15.29
C ASN B 70 -7.55 -5.42 16.26
N PRO B 71 -7.46 -4.08 16.52
CA PRO B 71 -8.34 -3.41 17.53
C PRO B 71 -9.86 -3.51 17.28
N PRO B 87 0.38 -15.24 26.52
CA PRO B 87 1.39 -14.25 26.16
C PRO B 87 2.79 -14.71 26.59
N ASP B 88 3.01 -14.85 27.90
CA ASP B 88 4.20 -15.52 28.42
C ASP B 88 4.29 -16.91 27.82
N ASP B 89 3.14 -17.60 27.73
CA ASP B 89 3.16 -18.96 27.18
C ASP B 89 3.47 -18.97 25.68
N ASP B 90 2.98 -17.97 24.95
CA ASP B 90 3.34 -17.84 23.53
C ASP B 90 4.85 -17.75 23.34
N LEU B 91 5.41 -16.85 24.13
CA LEU B 91 6.81 -16.56 24.08
C LEU B 91 7.62 -17.78 24.49
N ALA B 92 7.17 -18.52 25.51
CA ALA B 92 7.78 -19.83 25.78
C ALA B 92 7.73 -20.81 24.64
N GLN B 93 6.56 -20.94 24.00
CA GLN B 93 6.48 -21.78 22.81
C GLN B 93 7.47 -21.33 21.72
N LEU B 94 7.54 -20.02 21.51
CA LEU B 94 8.47 -19.55 20.47
C LEU B 94 9.97 -19.90 20.82
N ARG B 95 10.34 -19.70 22.08
CA ARG B 95 11.67 -20.10 22.62
C ARG B 95 11.92 -21.54 22.33
N ALA B 96 10.93 -22.39 22.64
CA ALA B 96 11.11 -23.82 22.50
C ALA B 96 11.30 -24.20 21.03
N GLU B 97 10.74 -23.39 20.13
CA GLU B 97 10.86 -23.59 18.71
C GLU B 97 12.17 -23.04 18.13
N GLY B 98 12.90 -22.30 18.95
CA GLY B 98 14.15 -21.66 18.54
C GLY B 98 13.95 -20.46 17.66
N VAL B 99 12.81 -19.82 17.78
CA VAL B 99 12.58 -18.57 17.07
C VAL B 99 13.46 -17.50 17.72
N GLU B 100 14.10 -16.70 16.90
CA GLU B 100 14.95 -15.62 17.47
C GLU B 100 14.32 -14.24 17.62
N ILE B 101 13.15 -13.96 16.97
CA ILE B 101 12.54 -12.65 17.16
C ILE B 101 11.05 -12.73 17.29
N ALA B 102 10.49 -12.09 18.31
CA ALA B 102 9.05 -11.90 18.42
C ALA B 102 8.78 -10.43 18.34
N PHE B 103 7.74 -10.05 17.57
CA PHE B 103 7.44 -8.68 17.39
C PHE B 103 6.03 -8.52 17.98
N THR B 104 5.96 -7.76 19.07
CA THR B 104 4.74 -7.68 19.88
C THR B 104 4.30 -6.23 20.05
N PRO B 105 3.85 -5.57 18.96
CA PRO B 105 3.46 -4.15 19.08
C PRO B 105 2.08 -3.91 19.75
N THR B 106 1.90 -2.73 20.38
CA THR B 106 0.63 -2.34 20.92
C THR B 106 -0.15 -1.78 19.76
N THR B 107 -1.43 -1.65 19.96
CA THR B 107 -2.28 -0.97 18.95
C THR B 107 -1.81 0.46 18.58
N ALA B 108 -1.36 1.19 19.60
CA ALA B 108 -1.01 2.57 19.45
C ALA B 108 0.27 2.67 18.62
N ALA B 109 1.10 1.63 18.71
CA ALA B 109 2.40 1.61 18.01
C ALA B 109 2.06 1.35 16.50
N MET B 110 1.00 0.58 16.26
CA MET B 110 0.62 0.16 14.93
C MET B 110 -0.24 1.21 14.27
N TYR B 111 -1.11 1.82 15.08
CA TYR B 111 -1.99 2.87 14.62
C TYR B 111 -1.76 4.23 15.31
N PRO B 112 -0.54 4.78 15.22
CA PRO B 112 -0.34 6.02 16.03
C PRO B 112 -1.14 7.23 15.57
N ASP B 113 -1.69 7.17 14.36
CA ASP B 113 -2.46 8.26 13.87
C ASP B 113 -3.84 7.73 13.71
N GLY B 114 -4.17 6.61 14.36
CA GLY B 114 -5.52 6.02 14.21
C GLY B 114 -5.66 5.40 12.83
N LEU B 115 -6.88 5.22 12.39
CA LEU B 115 -7.12 4.50 11.12
C LEU B 115 -7.21 5.59 10.03
N ARG B 116 -6.22 5.65 9.18
CA ARG B 116 -6.20 6.74 8.23
C ARG B 116 -6.06 6.13 6.80
N THR B 117 -4.85 6.02 6.28
CA THR B 117 -4.68 5.37 4.94
C THR B 117 -4.90 3.85 5.16
N THR B 118 -5.62 3.19 4.26
CA THR B 118 -5.90 1.75 4.47
C THR B 118 -5.82 1.06 3.14
N VAL B 119 -5.75 -0.27 3.15
CA VAL B 119 -5.76 -0.96 1.87
C VAL B 119 -7.23 -1.29 1.57
N GLN B 120 -7.61 -1.04 0.32
CA GLN B 120 -8.89 -1.42 -0.20
C GLN B 120 -8.64 -2.71 -1.07
N PRO B 121 -9.11 -3.87 -0.59
CA PRO B 121 -9.03 -5.05 -1.41
C PRO B 121 -9.84 -4.98 -2.65
N GLY B 122 -9.57 -5.93 -3.55
CA GLY B 122 -10.42 -6.13 -4.74
C GLY B 122 -11.75 -6.85 -4.37
N PRO B 123 -12.58 -7.12 -5.33
CA PRO B 123 -13.99 -7.61 -5.11
C PRO B 123 -14.04 -9.01 -4.45
N LEU B 124 -12.93 -9.75 -4.50
CA LEU B 124 -12.91 -11.06 -3.80
C LEU B 124 -13.15 -10.87 -2.32
N ALA B 125 -12.75 -9.73 -1.72
CA ALA B 125 -12.94 -9.52 -0.28
C ALA B 125 -14.43 -9.40 0.15
N ALA B 126 -15.31 -9.17 -0.80
CA ALA B 126 -16.74 -9.08 -0.51
C ALA B 126 -17.42 -10.46 -0.53
N GLU B 127 -16.73 -11.45 -1.03
CA GLU B 127 -17.37 -12.75 -1.15
C GLU B 127 -17.05 -13.65 0.03
N LEU B 128 -17.75 -14.81 0.08
CA LEU B 128 -17.38 -15.90 0.97
C LEU B 128 -17.26 -15.36 2.41
N GLU B 129 -16.07 -15.30 3.03
CA GLU B 129 -15.95 -14.80 4.43
C GLU B 129 -16.34 -13.30 4.52
N GLY B 130 -16.22 -12.57 3.41
CA GLY B 130 -16.60 -11.12 3.29
C GLY B 130 -18.10 -10.86 3.29
N GLY B 131 -18.87 -11.95 3.19
CA GLY B 131 -20.35 -11.92 3.36
C GLY B 131 -20.81 -11.40 4.73
N PRO B 132 -20.60 -12.19 5.79
CA PRO B 132 -20.82 -11.76 7.20
C PRO B 132 -19.95 -10.58 7.62
N ARG B 133 -18.71 -10.49 7.09
CA ARG B 133 -17.74 -9.54 7.60
C ARG B 133 -17.12 -8.72 6.46
N PRO B 134 -17.90 -7.76 5.92
CA PRO B 134 -17.49 -7.07 4.66
C PRO B 134 -16.27 -6.10 4.71
N THR B 135 -15.78 -5.77 5.91
CA THR B 135 -14.56 -4.94 6.00
C THR B 135 -13.46 -5.77 6.65
N HIS B 136 -13.72 -7.07 6.86
CA HIS B 136 -12.74 -7.84 7.56
C HIS B 136 -11.39 -7.82 6.78
N PHE B 137 -11.43 -8.06 5.50
CA PHE B 137 -10.16 -8.26 4.82
C PHE B 137 -9.46 -6.94 4.57
N ALA B 138 -10.17 -5.82 4.49
CA ALA B 138 -9.46 -4.47 4.36
C ALA B 138 -8.62 -4.34 5.61
N GLY B 139 -9.16 -4.79 6.76
CA GLY B 139 -8.39 -4.71 7.96
C GLY B 139 -7.15 -5.64 7.97
N VAL B 140 -7.36 -6.91 7.65
CA VAL B 140 -6.24 -7.82 7.48
C VAL B 140 -5.17 -7.36 6.47
N LEU B 141 -5.58 -6.97 5.29
CA LEU B 141 -4.55 -6.53 4.30
C LEU B 141 -3.77 -5.29 4.78
N THR B 142 -4.44 -4.40 5.46
CA THR B 142 -3.78 -3.18 6.03
C THR B 142 -2.71 -3.61 7.01
N VAL B 143 -3.03 -4.53 7.90
N VAL B 143 -3.06 -4.54 7.92
CA VAL B 143 -1.99 -4.85 8.88
CA VAL B 143 -2.05 -4.99 8.94
C VAL B 143 -0.90 -5.73 8.26
C VAL B 143 -0.92 -5.77 8.29
N VAL B 144 -1.28 -6.59 7.30
CA VAL B 144 -0.26 -7.42 6.60
C VAL B 144 0.70 -6.48 5.90
N LEU B 145 0.16 -5.49 5.20
CA LEU B 145 1.06 -4.60 4.43
C LEU B 145 1.99 -3.89 5.40
N LYS B 146 1.44 -3.39 6.52
CA LYS B 146 2.31 -2.72 7.55
C LYS B 146 3.38 -3.63 8.06
N LEU B 147 3.01 -4.87 8.41
CA LEU B 147 4.03 -5.84 8.87
C LEU B 147 5.08 -6.12 7.86
N LEU B 148 4.71 -6.26 6.60
CA LEU B 148 5.72 -6.44 5.54
C LEU B 148 6.67 -5.26 5.43
N GLN B 149 6.14 -4.07 5.64
CA GLN B 149 6.99 -2.89 5.47
C GLN B 149 7.90 -2.71 6.68
N ILE B 150 7.42 -3.11 7.88
CA ILE B 150 8.19 -2.94 9.12
C ILE B 150 9.35 -3.92 9.08
N VAL B 151 9.03 -5.18 8.74
CA VAL B 151 9.95 -6.30 8.87
C VAL B 151 10.75 -6.53 7.61
N ARG B 152 10.19 -6.16 6.45
CA ARG B 152 10.83 -6.41 5.14
C ARG B 152 11.39 -7.86 5.02
N PRO B 153 10.52 -8.88 5.19
CA PRO B 153 11.04 -10.22 5.08
C PRO B 153 11.24 -10.69 3.65
N ASP B 154 12.09 -11.70 3.50
CA ASP B 154 12.26 -12.38 2.21
C ASP B 154 11.07 -13.23 1.92
N ARG B 155 10.48 -13.89 2.95
CA ARG B 155 9.29 -14.70 2.74
C ARG B 155 8.33 -14.49 3.96
N VAL B 156 7.05 -14.58 3.64
CA VAL B 156 6.03 -14.43 4.70
C VAL B 156 5.10 -15.67 4.59
N PHE B 157 4.73 -16.23 5.76
CA PHE B 157 4.07 -17.53 5.81
C PHE B 157 2.64 -17.35 6.37
N PHE B 158 1.71 -17.94 5.63
CA PHE B 158 0.27 -17.98 6.03
C PHE B 158 -0.27 -19.40 5.91
N GLY B 159 -1.26 -19.74 6.76
CA GLY B 159 -1.79 -21.08 6.70
C GLY B 159 -2.87 -21.15 5.61
N GLU B 160 -2.94 -22.32 4.96
CA GLU B 160 -3.97 -22.60 3.94
C GLU B 160 -5.36 -22.67 4.54
N LYS B 161 -5.41 -22.82 5.88
CA LYS B 161 -6.73 -22.89 6.55
C LYS B 161 -7.58 -21.64 6.21
N ASP B 162 -6.95 -20.47 6.16
CA ASP B 162 -7.67 -19.27 5.78
C ASP B 162 -7.34 -19.02 4.30
N TYR B 163 -7.84 -19.90 3.47
CA TYR B 163 -7.49 -19.86 2.02
C TYR B 163 -7.81 -18.52 1.34
N GLN B 164 -8.95 -17.91 1.66
CA GLN B 164 -9.35 -16.71 0.97
C GLN B 164 -8.42 -15.59 1.40
N GLN B 165 -8.07 -15.58 2.69
CA GLN B 165 -7.09 -14.64 3.20
C GLN B 165 -5.77 -14.82 2.45
N LEU B 166 -5.35 -16.05 2.31
CA LEU B 166 -4.06 -16.30 1.63
C LEU B 166 -4.13 -15.76 0.14
N VAL B 167 -5.22 -16.01 -0.58
CA VAL B 167 -5.34 -15.57 -2.00
C VAL B 167 -5.36 -14.02 -2.01
N LEU B 168 -6.09 -13.41 -1.07
CA LEU B 168 -6.06 -11.92 -0.95
C LEU B 168 -4.70 -11.34 -0.73
N ILE B 169 -3.91 -12.00 0.13
CA ILE B 169 -2.48 -11.58 0.37
C ILE B 169 -1.72 -11.72 -0.94
N ARG B 170 -1.87 -12.84 -1.65
CA ARG B 170 -1.16 -12.92 -2.94
CA ARG B 170 -1.22 -12.98 -2.98
C ARG B 170 -1.61 -11.78 -3.87
N GLN B 171 -2.90 -11.39 -3.86
CA GLN B 171 -3.26 -10.24 -4.67
C GLN B 171 -2.63 -8.94 -4.21
N LEU B 172 -2.61 -8.68 -2.90
CA LEU B 172 -1.91 -7.48 -2.28
C LEU B 172 -0.45 -7.41 -2.83
N VAL B 173 0.24 -8.53 -2.74
CA VAL B 173 1.65 -8.61 -3.10
C VAL B 173 1.84 -8.30 -4.60
N ALA B 174 1.04 -8.95 -5.41
CA ALA B 174 1.12 -8.74 -6.88
C ALA B 174 0.77 -7.32 -7.18
N ASP B 175 -0.34 -6.85 -6.61
CA ASP B 175 -0.89 -5.59 -7.01
C ASP B 175 -0.11 -4.39 -6.61
N PHE B 176 0.63 -4.49 -5.48
CA PHE B 176 1.41 -3.40 -5.03
C PHE B 176 2.90 -3.70 -5.26
N ASN B 177 3.28 -4.75 -6.05
CA ASN B 177 4.65 -4.92 -6.52
C ASN B 177 5.56 -5.20 -5.35
N LEU B 178 5.01 -5.87 -4.32
CA LEU B 178 5.79 -6.12 -3.11
C LEU B 178 6.81 -7.19 -3.45
N ASP B 179 8.00 -6.97 -2.87
CA ASP B 179 9.10 -7.89 -3.09
C ASP B 179 9.21 -8.86 -1.87
N VAL B 180 8.32 -9.79 -1.80
CA VAL B 180 8.34 -10.80 -0.74
C VAL B 180 7.71 -12.03 -1.36
N ALA B 181 8.18 -13.21 -0.98
CA ALA B 181 7.56 -14.46 -1.47
C ALA B 181 6.49 -14.90 -0.44
N VAL B 182 5.26 -15.18 -0.86
CA VAL B 182 4.17 -15.61 0.05
C VAL B 182 4.16 -17.14 0.02
N VAL B 183 4.21 -17.79 1.21
CA VAL B 183 4.28 -19.23 1.24
C VAL B 183 3.02 -19.61 2.00
N GLY B 184 2.21 -20.46 1.35
CA GLY B 184 1.04 -21.01 1.98
C GLY B 184 1.43 -22.36 2.60
N VAL B 185 1.08 -22.55 3.87
CA VAL B 185 1.43 -23.76 4.61
C VAL B 185 0.19 -24.61 4.85
N PRO B 186 0.26 -25.91 4.53
CA PRO B 186 -0.91 -26.79 4.63
C PRO B 186 -1.52 -26.79 6.04
N THR B 187 -2.82 -27.01 6.07
CA THR B 187 -3.61 -26.93 7.29
C THR B 187 -3.20 -28.09 8.22
N VAL B 188 -2.93 -27.75 9.48
CA VAL B 188 -2.67 -28.73 10.52
C VAL B 188 -4.01 -29.16 11.10
N ARG B 189 -4.14 -30.49 11.26
CA ARG B 189 -5.46 -31.04 11.68
C ARG B 189 -5.31 -31.89 12.89
N GLU B 190 -6.36 -31.95 13.64
CA GLU B 190 -6.51 -32.80 14.83
C GLU B 190 -6.63 -34.21 14.25
N ALA B 191 -6.68 -35.19 15.14
CA ALA B 191 -6.57 -36.57 14.65
C ALA B 191 -7.77 -36.96 13.80
N ASP B 192 -8.94 -36.36 14.02
CA ASP B 192 -10.01 -36.85 13.19
C ASP B 192 -10.21 -36.00 11.96
N GLY B 193 -9.29 -35.07 11.69
CA GLY B 193 -9.35 -34.22 10.51
C GLY B 193 -9.77 -32.78 10.78
N LEU B 194 -10.29 -32.50 11.95
CA LEU B 194 -10.77 -31.13 12.26
C LEU B 194 -9.61 -30.11 12.16
N ALA B 195 -9.82 -29.08 11.33
CA ALA B 195 -8.72 -28.11 11.19
C ALA B 195 -8.42 -27.45 12.56
N MET B 196 -7.16 -27.39 12.98
CA MET B 196 -6.94 -26.77 14.35
C MET B 196 -7.19 -25.26 14.31
N SER B 197 -7.79 -24.79 15.37
CA SER B 197 -8.09 -23.37 15.44
C SER B 197 -8.36 -23.08 16.93
N SER B 198 -8.10 -21.85 17.39
CA SER B 198 -8.32 -21.48 18.80
C SER B 198 -9.80 -21.58 19.15
N ARG B 199 -10.65 -21.33 18.14
CA ARG B 199 -12.10 -21.52 18.36
C ARG B 199 -12.59 -22.88 18.74
N ASN B 200 -11.85 -23.97 18.40
CA ASN B 200 -12.36 -25.27 18.67
C ASN B 200 -12.69 -25.51 20.14
N ARG B 201 -12.02 -24.74 20.99
CA ARG B 201 -12.11 -24.95 22.43
C ARG B 201 -13.52 -24.64 22.94
N TYR B 202 -14.24 -23.82 22.20
CA TYR B 202 -15.61 -23.46 22.54
C TYR B 202 -16.62 -24.51 22.27
N LEU B 203 -16.25 -25.47 21.43
CA LEU B 203 -17.27 -26.46 21.00
C LEU B 203 -17.57 -27.39 22.14
N ASP B 204 -18.83 -27.59 22.41
CA ASP B 204 -19.17 -28.63 23.36
C ASP B 204 -19.08 -30.03 22.80
N PRO B 205 -19.37 -31.08 23.58
CA PRO B 205 -19.03 -32.35 22.97
C PRO B 205 -19.82 -32.72 21.68
N ALA B 206 -21.10 -32.39 21.66
CA ALA B 206 -21.96 -32.66 20.54
C ALA B 206 -21.48 -31.81 19.33
N GLN B 207 -21.13 -30.57 19.58
CA GLN B 207 -20.67 -29.70 18.49
C GLN B 207 -19.31 -30.23 18.04
N ARG B 208 -18.48 -30.64 18.99
CA ARG B 208 -17.14 -31.08 18.59
C ARG B 208 -17.25 -32.35 17.73
N ALA B 209 -18.18 -33.22 18.05
CA ALA B 209 -18.35 -34.50 17.34
C ALA B 209 -18.87 -34.15 15.87
N ALA B 210 -19.81 -33.23 15.84
CA ALA B 210 -20.42 -32.85 14.51
C ALA B 210 -19.45 -32.07 13.62
N ALA B 211 -18.52 -31.33 14.25
CA ALA B 211 -17.55 -30.43 13.49
C ALA B 211 -16.65 -31.23 12.55
N VAL B 212 -16.51 -32.54 12.79
CA VAL B 212 -15.72 -33.45 11.92
C VAL B 212 -16.31 -33.46 10.50
N ALA B 213 -17.58 -33.09 10.39
CA ALA B 213 -18.25 -33.17 9.07
C ALA B 213 -17.60 -32.21 8.09
N LEU B 214 -17.05 -31.08 8.52
CA LEU B 214 -16.46 -30.15 7.55
C LEU B 214 -15.30 -30.84 6.81
N SER B 215 -14.31 -31.27 7.58
CA SER B 215 -13.21 -31.96 6.92
C SER B 215 -13.62 -33.25 6.23
N ALA B 216 -14.51 -34.02 6.85
CA ALA B 216 -14.93 -35.31 6.21
C ALA B 216 -15.63 -34.98 4.84
N ALA B 217 -16.46 -33.92 4.79
CA ALA B 217 -17.17 -33.51 3.56
C ALA B 217 -16.09 -33.13 2.49
N LEU B 218 -15.05 -32.42 2.89
CA LEU B 218 -14.06 -31.90 1.90
C LEU B 218 -13.23 -33.03 1.35
N THR B 219 -12.73 -33.87 2.23
CA THR B 219 -11.99 -35.06 1.77
C THR B 219 -12.81 -36.03 0.89
N ALA B 220 -14.12 -36.24 1.21
CA ALA B 220 -15.03 -37.10 0.48
C ALA B 220 -15.11 -36.47 -0.95
N ALA B 221 -15.26 -35.14 -0.99
CA ALA B 221 -15.41 -34.39 -2.27
C ALA B 221 -14.13 -34.54 -3.07
N ALA B 222 -12.96 -34.45 -2.43
CA ALA B 222 -11.74 -34.48 -3.19
C ALA B 222 -11.53 -35.85 -3.86
N HIS B 223 -11.98 -36.94 -3.21
CA HIS B 223 -11.95 -38.29 -3.83
C HIS B 223 -13.04 -38.54 -4.78
N ALA B 224 -14.18 -37.93 -4.57
CA ALA B 224 -15.23 -38.16 -5.48
C ALA B 224 -14.97 -37.42 -6.79
N ALA B 225 -14.06 -36.44 -6.74
CA ALA B 225 -13.85 -35.48 -7.93
C ALA B 225 -13.40 -36.21 -9.21
N THR B 226 -12.91 -37.47 -9.11
CA THR B 226 -12.68 -38.27 -10.38
C THR B 226 -13.96 -38.39 -11.16
N ALA B 227 -15.12 -38.35 -10.49
CA ALA B 227 -16.45 -38.44 -11.14
C ALA B 227 -16.99 -37.06 -11.62
N GLY B 228 -16.23 -36.00 -11.35
CA GLY B 228 -16.56 -34.67 -11.86
C GLY B 228 -16.99 -33.70 -10.75
N ALA B 229 -17.22 -32.43 -11.14
CA ALA B 229 -17.39 -31.36 -10.12
C ALA B 229 -18.72 -31.53 -9.42
N GLN B 230 -19.75 -31.99 -10.10
CA GLN B 230 -21.02 -32.10 -9.42
C GLN B 230 -21.00 -33.32 -8.43
N ALA B 231 -20.39 -34.43 -8.83
CA ALA B 231 -20.19 -35.55 -7.86
C ALA B 231 -19.41 -35.09 -6.58
N ALA B 232 -18.43 -34.23 -6.74
CA ALA B 232 -17.59 -33.77 -5.62
C ALA B 232 -18.47 -32.92 -4.71
N LEU B 233 -19.20 -31.99 -5.31
CA LEU B 233 -20.13 -31.12 -4.48
C LEU B 233 -21.23 -31.93 -3.84
N ASP B 234 -21.83 -32.86 -4.56
CA ASP B 234 -22.91 -33.66 -3.94
C ASP B 234 -22.38 -34.57 -2.82
N ALA B 235 -21.17 -35.16 -2.96
CA ALA B 235 -20.57 -35.95 -1.89
C ALA B 235 -20.36 -35.03 -0.64
N ALA B 236 -19.80 -33.82 -0.83
CA ALA B 236 -19.60 -32.93 0.30
C ALA B 236 -20.91 -32.57 0.96
N ARG B 237 -21.93 -32.30 0.13
CA ARG B 237 -23.18 -31.88 0.74
C ARG B 237 -23.80 -33.05 1.54
N ALA B 238 -23.68 -34.28 1.01
CA ALA B 238 -24.25 -35.44 1.74
C ALA B 238 -23.64 -35.57 3.12
N VAL B 239 -22.32 -35.41 3.20
CA VAL B 239 -21.64 -35.51 4.49
C VAL B 239 -22.16 -34.41 5.46
N LEU B 240 -22.23 -33.19 5.01
CA LEU B 240 -22.69 -32.10 5.90
C LEU B 240 -24.14 -32.34 6.27
N ASP B 241 -24.92 -32.87 5.32
CA ASP B 241 -26.31 -33.24 5.60
C ASP B 241 -26.46 -34.36 6.61
N ALA B 242 -25.42 -35.13 6.89
CA ALA B 242 -25.50 -36.24 7.87
C ALA B 242 -25.19 -35.71 9.32
N ALA B 243 -24.86 -34.42 9.46
CA ALA B 243 -24.43 -33.86 10.80
C ALA B 243 -25.57 -33.01 11.38
N PRO B 244 -25.81 -33.13 12.70
CA PRO B 244 -26.80 -32.28 13.34
C PRO B 244 -26.14 -30.93 13.77
N GLY B 245 -26.90 -29.86 13.75
CA GLY B 245 -26.41 -28.60 14.34
C GLY B 245 -25.30 -27.92 13.59
N VAL B 246 -25.19 -28.21 12.30
CA VAL B 246 -24.14 -27.66 11.47
C VAL B 246 -24.85 -26.82 10.40
N ALA B 247 -24.85 -25.53 10.63
CA ALA B 247 -25.62 -24.61 9.74
C ALA B 247 -24.60 -24.13 8.67
N VAL B 248 -24.73 -24.68 7.47
CA VAL B 248 -23.71 -24.32 6.41
C VAL B 248 -23.90 -22.92 5.90
N ASP B 249 -22.84 -22.12 5.95
CA ASP B 249 -23.01 -20.77 5.38
C ASP B 249 -22.71 -20.77 3.90
N TYR B 250 -21.67 -21.51 3.48
CA TYR B 250 -21.47 -21.70 2.06
C TYR B 250 -20.68 -23.00 1.86
N LEU B 251 -20.75 -23.52 0.67
CA LEU B 251 -19.94 -24.64 0.24
C LEU B 251 -19.73 -24.33 -1.26
N GLU B 252 -18.51 -24.01 -1.65
CA GLU B 252 -18.32 -23.46 -3.03
C GLU B 252 -17.08 -24.03 -3.61
N LEU B 253 -17.13 -24.42 -4.89
CA LEU B 253 -15.90 -24.89 -5.55
C LEU B 253 -15.50 -23.79 -6.51
N ARG B 254 -14.24 -23.38 -6.43
CA ARG B 254 -13.72 -22.22 -7.18
C ARG B 254 -12.42 -22.66 -7.82
N ASP B 255 -11.88 -21.87 -8.75
CA ASP B 255 -10.48 -22.18 -9.19
C ASP B 255 -9.53 -21.80 -8.09
N ILE B 256 -8.26 -22.04 -8.31
CA ILE B 256 -7.33 -21.88 -7.21
C ILE B 256 -7.08 -20.41 -6.80
N GLY B 257 -7.42 -19.44 -7.70
CA GLY B 257 -7.31 -17.98 -7.35
C GLY B 257 -8.68 -17.47 -6.87
N LEU B 258 -9.64 -18.39 -6.65
CA LEU B 258 -11.08 -18.12 -6.18
C LEU B 258 -11.96 -17.43 -7.19
N GLY B 259 -11.50 -17.47 -8.44
CA GLY B 259 -12.43 -17.19 -9.57
C GLY B 259 -13.39 -18.34 -9.83
N PRO B 260 -14.14 -18.30 -10.92
CA PRO B 260 -15.09 -19.36 -11.13
C PRO B 260 -14.36 -20.65 -11.51
N MET B 261 -14.97 -21.75 -11.11
CA MET B 261 -14.33 -23.07 -11.28
C MET B 261 -14.22 -23.40 -12.75
N PRO B 262 -13.01 -23.80 -13.25
CA PRO B 262 -13.00 -24.10 -14.69
C PRO B 262 -13.68 -25.44 -14.97
N LEU B 263 -13.99 -25.70 -16.23
CA LEU B 263 -14.57 -27.03 -16.57
C LEU B 263 -13.84 -28.30 -16.00
N ASN B 264 -12.50 -28.27 -16.03
CA ASN B 264 -11.61 -29.34 -15.55
C ASN B 264 -10.38 -28.75 -14.89
N GLY B 265 -9.49 -29.57 -14.34
CA GLY B 265 -8.27 -29.02 -13.76
C GLY B 265 -8.44 -28.68 -12.29
N SER B 266 -7.56 -27.83 -11.78
CA SER B 266 -7.39 -27.62 -10.38
C SER B 266 -8.35 -26.61 -9.84
N GLY B 267 -8.81 -26.86 -8.63
CA GLY B 267 -9.64 -25.87 -7.95
C GLY B 267 -9.54 -26.07 -6.46
N ARG B 268 -10.42 -25.38 -5.79
CA ARG B 268 -10.40 -25.35 -4.33
C ARG B 268 -11.87 -25.42 -3.90
N LEU B 269 -12.15 -26.27 -2.90
CA LEU B 269 -13.51 -26.35 -2.37
C LEU B 269 -13.47 -25.80 -0.94
N LEU B 270 -14.34 -24.82 -0.68
CA LEU B 270 -14.38 -24.14 0.56
C LEU B 270 -15.77 -24.24 1.30
N VAL B 271 -15.75 -24.35 2.63
CA VAL B 271 -16.95 -24.51 3.41
C VAL B 271 -16.82 -23.63 4.64
N ALA B 272 -17.93 -23.08 5.08
CA ALA B 272 -17.93 -22.44 6.37
C ALA B 272 -19.30 -22.76 6.98
N ALA B 273 -19.31 -22.99 8.30
CA ALA B 273 -20.58 -23.37 8.98
C ALA B 273 -20.54 -22.85 10.39
N ARG B 274 -21.74 -22.63 10.94
CA ARG B 274 -21.90 -22.25 12.34
C ARG B 274 -22.40 -23.39 13.16
N LEU B 275 -21.77 -23.63 14.29
CA LEU B 275 -22.18 -24.68 15.20
C LEU B 275 -22.40 -23.91 16.51
N GLY B 276 -23.68 -23.61 16.76
CA GLY B 276 -23.97 -22.82 18.02
C GLY B 276 -23.47 -21.45 17.68
N THR B 277 -22.57 -20.89 18.49
CA THR B 277 -22.10 -19.53 18.19
C THR B 277 -20.74 -19.53 17.55
N THR B 278 -20.26 -20.71 17.22
CA THR B 278 -18.86 -20.82 16.80
C THR B 278 -18.89 -20.99 15.25
N ARG B 279 -18.14 -20.16 14.51
CA ARG B 279 -18.04 -20.31 13.06
C ARG B 279 -16.78 -21.06 12.73
N LEU B 280 -16.91 -22.10 11.92
CA LEU B 280 -15.71 -22.86 11.55
C LEU B 280 -15.55 -22.79 10.04
N LEU B 281 -14.30 -22.86 9.54
CA LEU B 281 -13.96 -22.78 8.10
CA LEU B 281 -14.19 -22.99 8.09
C LEU B 281 -13.05 -23.98 7.74
N ASP B 282 -13.12 -24.46 6.50
CA ASP B 282 -12.12 -25.39 6.05
C ASP B 282 -12.10 -25.30 4.52
N ASN B 283 -11.08 -25.88 3.92
CA ASN B 283 -11.08 -25.89 2.45
C ASN B 283 -10.05 -26.94 2.04
N ILE B 284 -10.13 -27.33 0.79
CA ILE B 284 -9.26 -28.37 0.27
C ILE B 284 -9.03 -28.23 -1.24
N ALA B 285 -7.85 -28.72 -1.64
CA ALA B 285 -7.47 -28.75 -3.10
C ALA B 285 -8.37 -29.78 -3.77
N ILE B 286 -8.87 -29.45 -4.95
CA ILE B 286 -9.74 -30.36 -5.69
C ILE B 286 -9.19 -30.49 -7.13
N GLU B 287 -9.05 -31.72 -7.64
CA GLU B 287 -8.52 -31.91 -9.05
C GLU B 287 -9.74 -32.46 -9.83
N ILE B 288 -10.25 -31.71 -10.78
CA ILE B 288 -11.54 -32.17 -11.38
C ILE B 288 -11.36 -33.19 -12.47
N GLY B 289 -11.79 -34.43 -12.20
CA GLY B 289 -11.69 -35.53 -13.15
C GLY B 289 -10.26 -36.03 -13.17
#